data_1OP0
#
_entry.id   1OP0
#
_cell.length_a   49.415
_cell.length_b   74.593
_cell.length_c   82.419
_cell.angle_alpha   90.00
_cell.angle_beta   90.00
_cell.angle_gamma   90.00
#
_symmetry.space_group_name_H-M   'P 21 21 21'
#
loop_
_entity.id
_entity.type
_entity.pdbx_description
1 polymer 'Venom serine proteinase'
2 branched 2-acetamido-2-deoxy-beta-D-glucopyranose-(1-4)-[alpha-L-fucopyranose-(1-6)]2-acetamido-2-deoxy-beta-D-glucopyranose
3 non-polymer 'SULFATE ION'
4 water water
#
_entity_poly.entity_id   1
_entity_poly.type   'polypeptide(L)'
_entity_poly.pdbx_seq_one_letter_code
;VIGGNECDINEHRFLVAFFNTTGFFCGGTLINPEWVVTAAHCDSTDFQMQLGVHSKKVLNEDEQTRNPKEKFICPNKNNN
EVLDKDIMLIKLDKPISNSKHIAPLSLPSSPPSVGSVCRIMGWGSITPVKETFPDVPYCANINLLDHAVCQAGYPELLAE
YRTLCAGIVQGGKDTCGGDSGGPLICNGQFQGIVSYGAHPCGQGPKPGIYTNVFDYTDWIQRNIAGNTDATCPP
;
_entity_poly.pdbx_strand_id   A
#
# COMPACT_ATOMS: atom_id res chain seq x y z
N VAL A 1 -11.22 -3.04 1.52
CA VAL A 1 -11.75 -1.97 0.64
C VAL A 1 -13.27 -1.97 0.67
N ILE A 2 -13.87 -0.83 1.00
CA ILE A 2 -15.32 -0.72 1.03
C ILE A 2 -15.79 0.19 -0.09
N GLY A 3 -17.03 0.00 -0.51
CA GLY A 3 -17.61 0.82 -1.56
C GLY A 3 -17.09 0.46 -2.94
N GLY A 4 -16.51 -0.73 -3.06
CA GLY A 4 -15.99 -1.15 -4.36
C GLY A 4 -16.54 -2.48 -4.84
N ASN A 5 -15.82 -3.10 -5.77
CA ASN A 5 -16.22 -4.37 -6.35
C ASN A 5 -14.97 -5.24 -6.50
N GLU A 6 -15.15 -6.50 -6.90
CA GLU A 6 -14.02 -7.40 -7.08
C GLU A 6 -13.13 -6.84 -8.19
N CYS A 7 -11.82 -6.91 -7.99
CA CYS A 7 -10.89 -6.41 -8.99
C CYS A 7 -10.86 -7.35 -10.20
N ASP A 8 -10.45 -6.81 -11.34
CA ASP A 8 -10.32 -7.63 -12.54
C ASP A 8 -9.10 -8.50 -12.24
N ILE A 9 -9.14 -9.76 -12.63
CA ILE A 9 -8.04 -10.67 -12.35
C ILE A 9 -6.70 -10.27 -12.97
N ASN A 10 -6.73 -9.38 -13.95
CA ASN A 10 -5.50 -8.94 -14.61
C ASN A 10 -5.06 -7.51 -14.32
N GLU A 11 -5.80 -6.80 -13.47
CA GLU A 11 -5.45 -5.41 -13.17
C GLU A 11 -4.58 -5.17 -11.94
N HIS A 12 -4.10 -6.23 -11.29
CA HIS A 12 -3.28 -6.07 -10.09
C HIS A 12 -2.08 -7.01 -10.08
N ARG A 13 -1.37 -7.07 -11.21
CA ARG A 13 -0.22 -7.95 -11.35
C ARG A 13 0.94 -7.60 -10.42
N PHE A 14 0.96 -6.35 -9.97
CA PHE A 14 2.01 -5.83 -9.08
C PHE A 14 1.63 -5.96 -7.60
N LEU A 15 0.39 -6.35 -7.32
CA LEU A 15 -0.09 -6.48 -5.95
C LEU A 15 0.48 -7.69 -5.22
N VAL A 16 1.08 -7.44 -4.06
CA VAL A 16 1.68 -8.50 -3.25
C VAL A 16 0.90 -8.70 -1.96
N ALA A 17 0.73 -9.96 -1.58
CA ALA A 17 0.03 -10.30 -0.36
C ALA A 17 1.01 -10.69 0.74
N PHE A 18 0.89 -10.04 1.88
CA PHE A 18 1.75 -10.34 3.03
C PHE A 18 0.95 -11.27 3.94
N PHE A 19 1.55 -12.37 4.37
CA PHE A 19 0.83 -13.31 5.23
C PHE A 19 1.74 -14.08 6.17
N ASN A 20 1.10 -14.71 7.16
CA ASN A 20 1.78 -15.59 8.09
C ASN A 20 0.81 -16.77 8.20
N THR A 21 1.09 -17.73 9.06
CA THR A 21 0.21 -18.89 9.17
C THR A 21 -1.22 -18.62 9.62
N THR A 22 -1.50 -17.41 10.07
CA THR A 22 -2.86 -17.07 10.48
C THR A 22 -3.65 -16.55 9.28
N GLY A 23 -2.93 -15.93 8.34
CA GLY A 23 -3.59 -15.40 7.16
C GLY A 23 -2.94 -14.13 6.62
N PHE A 24 -3.58 -13.54 5.61
CA PHE A 24 -3.12 -12.30 4.99
C PHE A 24 -3.30 -11.18 6.00
N PHE A 25 -2.37 -10.22 6.05
CA PHE A 25 -2.52 -9.12 6.99
C PHE A 25 -2.10 -7.77 6.40
N CYS A 26 -1.52 -7.79 5.20
CA CYS A 26 -1.09 -6.56 4.54
C CYS A 26 -0.87 -6.76 3.06
N GLY A 27 -0.75 -5.63 2.36
CA GLY A 27 -0.51 -5.65 0.94
C GLY A 27 0.85 -5.01 0.67
N GLY A 28 1.30 -5.10 -0.57
CA GLY A 28 2.57 -4.52 -0.94
C GLY A 28 2.63 -4.35 -2.44
N THR A 29 3.64 -3.62 -2.92
CA THR A 29 3.77 -3.38 -4.35
C THR A 29 5.11 -3.85 -4.88
N LEU A 30 5.08 -4.64 -5.95
CA LEU A 30 6.30 -5.14 -6.58
C LEU A 30 6.74 -4.02 -7.52
N ILE A 31 7.91 -3.41 -7.24
CA ILE A 31 8.38 -2.30 -8.08
C ILE A 31 9.47 -2.71 -9.07
N ASN A 32 10.00 -3.92 -8.91
CA ASN A 32 11.01 -4.44 -9.81
C ASN A 32 11.20 -5.91 -9.43
N PRO A 33 11.93 -6.69 -10.23
CA PRO A 33 12.17 -8.13 -9.98
C PRO A 33 12.53 -8.58 -8.57
N GLU A 34 13.28 -7.77 -7.83
CA GLU A 34 13.70 -8.16 -6.48
C GLU A 34 13.23 -7.28 -5.33
N TRP A 35 12.39 -6.28 -5.61
CA TRP A 35 11.97 -5.38 -4.56
C TRP A 35 10.47 -5.10 -4.41
N VAL A 36 10.04 -5.07 -3.16
CA VAL A 36 8.66 -4.80 -2.82
C VAL A 36 8.59 -3.62 -1.85
N VAL A 37 7.62 -2.74 -2.06
CA VAL A 37 7.43 -1.59 -1.19
C VAL A 37 6.11 -1.77 -0.45
N THR A 38 6.12 -1.50 0.85
CA THR A 38 4.93 -1.62 1.66
C THR A 38 4.99 -0.59 2.77
N ALA A 39 4.12 -0.72 3.77
CA ALA A 39 4.09 0.23 4.89
C ALA A 39 4.97 -0.31 6.01
N ALA A 40 5.68 0.59 6.69
CA ALA A 40 6.52 0.19 7.81
C ALA A 40 5.72 -0.48 8.92
N HIS A 41 4.48 -0.08 9.12
CA HIS A 41 3.71 -0.71 10.19
C HIS A 41 3.22 -2.12 9.86
N CYS A 42 3.56 -2.61 8.67
CA CYS A 42 3.19 -3.96 8.23
C CYS A 42 4.31 -4.93 8.58
N ASP A 43 5.39 -4.41 9.14
CA ASP A 43 6.52 -5.25 9.49
C ASP A 43 6.20 -6.19 10.65
N SER A 44 6.75 -7.40 10.59
CA SER A 44 6.55 -8.39 11.65
C SER A 44 7.79 -9.29 11.64
N THR A 45 7.98 -10.05 12.72
CA THR A 45 9.16 -10.91 12.82
C THR A 45 9.13 -12.11 11.88
N ASP A 46 7.93 -12.61 11.61
CA ASP A 46 7.82 -13.77 10.72
C ASP A 46 6.65 -13.63 9.75
N PHE A 47 6.98 -13.52 8.45
CA PHE A 47 5.96 -13.41 7.43
C PHE A 47 6.54 -13.75 6.08
N GLN A 48 5.66 -14.05 5.13
CA GLN A 48 6.07 -14.37 3.77
C GLN A 48 5.21 -13.54 2.84
N MET A 49 5.54 -13.57 1.55
CA MET A 49 4.81 -12.82 0.56
C MET A 49 4.35 -13.73 -0.57
N GLN A 50 3.12 -13.52 -1.01
CA GLN A 50 2.55 -14.32 -2.10
C GLN A 50 2.33 -13.39 -3.30
N LEU A 51 2.92 -13.75 -4.43
CA LEU A 51 2.81 -12.97 -5.66
C LEU A 51 1.92 -13.69 -6.67
N GLY A 52 1.24 -12.93 -7.52
CA GLY A 52 0.38 -13.51 -8.54
C GLY A 52 -0.94 -14.06 -8.04
N VAL A 53 -1.34 -13.63 -6.85
CA VAL A 53 -2.57 -14.09 -6.22
C VAL A 53 -3.81 -13.27 -6.57
N HIS A 54 -4.95 -13.95 -6.68
CA HIS A 54 -6.21 -13.26 -6.90
C HIS A 54 -7.12 -13.85 -5.83
N SER A 55 -7.60 -15.07 -6.06
CA SER A 55 -8.45 -15.74 -5.10
C SER A 55 -7.62 -16.56 -4.12
N LYS A 56 -8.00 -16.54 -2.85
CA LYS A 56 -7.29 -17.29 -1.82
C LYS A 56 -7.61 -18.78 -1.92
N LYS A 57 -8.76 -19.11 -2.51
CA LYS A 57 -9.19 -20.50 -2.66
C LYS A 57 -8.79 -21.16 -3.96
N VAL A 58 -8.78 -20.39 -5.04
CA VAL A 58 -8.41 -20.93 -6.34
C VAL A 58 -7.03 -20.43 -6.75
N LEU A 59 -6.07 -21.34 -6.77
CA LEU A 59 -4.70 -21.01 -7.11
C LEU A 59 -4.52 -20.54 -8.55
N ASN A 60 -3.66 -19.54 -8.74
CA ASN A 60 -3.36 -19.10 -10.08
C ASN A 60 -2.18 -20.00 -10.44
N GLU A 61 -2.07 -20.38 -11.71
CA GLU A 61 -1.00 -21.26 -12.16
C GLU A 61 0.41 -20.74 -11.89
N ASP A 62 0.61 -19.44 -12.06
CA ASP A 62 1.93 -18.82 -11.90
C ASP A 62 2.19 -18.16 -10.53
N GLU A 63 1.40 -18.54 -9.53
CA GLU A 63 1.53 -17.98 -8.20
C GLU A 63 2.92 -18.31 -7.62
N GLN A 64 3.55 -17.34 -6.95
CA GLN A 64 4.87 -17.53 -6.37
C GLN A 64 4.93 -17.09 -4.90
N THR A 65 5.75 -17.79 -4.11
CA THR A 65 5.93 -17.44 -2.71
C THR A 65 7.35 -16.91 -2.55
N ARG A 66 7.51 -15.83 -1.78
CA ARG A 66 8.82 -15.26 -1.55
C ARG A 66 9.03 -14.86 -0.09
N ASN A 67 10.30 -14.79 0.32
CA ASN A 67 10.64 -14.44 1.68
C ASN A 67 11.43 -13.13 1.72
N PRO A 68 11.34 -12.41 2.83
CA PRO A 68 12.07 -11.14 2.97
C PRO A 68 13.54 -11.40 3.28
N LYS A 69 14.39 -11.15 2.29
CA LYS A 69 15.82 -11.38 2.48
C LYS A 69 16.38 -10.25 3.34
N GLU A 70 15.99 -9.03 3.01
CA GLU A 70 16.41 -7.84 3.75
C GLU A 70 15.27 -6.84 3.79
N LYS A 71 15.18 -6.11 4.89
CA LYS A 71 14.13 -5.11 5.07
C LYS A 71 14.74 -3.76 5.39
N PHE A 72 14.19 -2.71 4.81
CA PHE A 72 14.71 -1.37 5.05
C PHE A 72 13.64 -0.34 5.39
N ILE A 73 13.83 0.34 6.50
CA ILE A 73 12.92 1.41 6.88
C ILE A 73 13.83 2.62 7.07
N CYS A 74 13.26 3.81 7.07
CA CYS A 74 14.05 5.02 7.23
C CYS A 74 14.86 5.00 8.53
N PRO A 75 16.18 5.25 8.43
CA PRO A 75 17.03 5.26 9.62
C PRO A 75 16.60 6.37 10.56
N ASN A 76 16.13 7.46 9.97
CA ASN A 76 15.70 8.62 10.74
C ASN A 76 14.20 8.65 11.00
N LYS A 77 13.63 7.48 11.29
CA LYS A 77 12.21 7.37 11.58
C LYS A 77 12.01 7.28 13.08
N ASN A 78 10.98 7.96 13.58
CA ASN A 78 10.68 7.93 15.00
C ASN A 78 9.72 6.75 15.20
N ASN A 79 10.19 5.73 15.91
CA ASN A 79 9.39 4.53 16.15
C ASN A 79 8.17 4.71 17.05
N ASN A 80 8.00 5.90 17.60
CA ASN A 80 6.85 6.16 18.46
C ASN A 80 5.74 6.89 17.70
N GLU A 81 5.99 7.18 16.43
CA GLU A 81 5.02 7.87 15.59
C GLU A 81 4.70 6.99 14.39
N VAL A 82 3.57 6.30 14.47
CA VAL A 82 3.16 5.41 13.41
C VAL A 82 2.94 6.12 12.06
N LEU A 83 2.71 7.43 12.09
CA LEU A 83 2.50 8.18 10.86
C LEU A 83 3.78 8.81 10.33
N ASP A 84 4.88 8.64 11.07
CA ASP A 84 6.14 9.20 10.62
C ASP A 84 6.86 8.23 9.69
N LYS A 85 7.07 8.64 8.44
CA LYS A 85 7.77 7.82 7.46
C LYS A 85 7.29 6.37 7.45
N ASP A 86 5.99 6.20 7.20
CA ASP A 86 5.41 4.86 7.16
C ASP A 86 5.64 4.21 5.81
N ILE A 87 6.84 3.68 5.62
CA ILE A 87 7.22 3.03 4.38
C ILE A 87 8.36 2.07 4.64
N MET A 88 8.32 0.91 3.98
CA MET A 88 9.36 -0.09 4.15
C MET A 88 9.71 -0.74 2.81
N LEU A 89 10.99 -0.96 2.59
CA LEU A 89 11.49 -1.56 1.37
C LEU A 89 11.90 -3.00 1.71
N ILE A 90 11.52 -3.94 0.87
CA ILE A 90 11.86 -5.34 1.09
C ILE A 90 12.53 -5.96 -0.11
N LYS A 91 13.68 -6.59 0.11
CA LYS A 91 14.40 -7.25 -0.96
C LYS A 91 14.02 -8.73 -0.92
N LEU A 92 13.60 -9.28 -2.05
CA LEU A 92 13.20 -10.68 -2.10
C LEU A 92 14.39 -11.63 -2.01
N ASP A 93 14.14 -12.81 -1.44
CA ASP A 93 15.18 -13.82 -1.28
C ASP A 93 15.52 -14.42 -2.64
N LYS A 94 14.69 -14.15 -3.62
CA LYS A 94 14.89 -14.66 -4.97
C LYS A 94 14.06 -13.81 -5.93
N PRO A 95 14.64 -13.38 -7.05
CA PRO A 95 13.89 -12.55 -8.00
C PRO A 95 12.72 -13.30 -8.63
N ILE A 96 11.78 -12.54 -9.18
CA ILE A 96 10.63 -13.13 -9.85
C ILE A 96 10.63 -12.70 -11.30
N SER A 97 10.02 -13.51 -12.15
CA SER A 97 9.96 -13.20 -13.57
C SER A 97 8.55 -12.83 -13.93
N ASN A 98 8.40 -12.00 -14.96
CA ASN A 98 7.08 -11.59 -15.40
C ASN A 98 6.29 -12.81 -15.84
N SER A 99 5.00 -12.82 -15.51
CA SER A 99 4.11 -13.92 -15.88
C SER A 99 2.72 -13.32 -16.08
N LYS A 100 1.75 -14.17 -16.41
CA LYS A 100 0.39 -13.69 -16.64
C LYS A 100 -0.16 -12.83 -15.51
N HIS A 101 0.07 -13.22 -14.27
CA HIS A 101 -0.45 -12.47 -13.14
C HIS A 101 0.61 -11.78 -12.29
N ILE A 102 1.81 -11.64 -12.83
CA ILE A 102 2.91 -11.01 -12.10
C ILE A 102 3.75 -10.07 -12.96
N ALA A 103 3.86 -8.82 -12.51
CA ALA A 103 4.64 -7.81 -13.21
C ALA A 103 4.84 -6.61 -12.27
N PRO A 104 6.01 -5.98 -12.31
CA PRO A 104 6.30 -4.82 -11.46
C PRO A 104 5.59 -3.55 -11.89
N LEU A 105 5.47 -2.60 -10.97
CA LEU A 105 4.85 -1.30 -11.23
C LEU A 105 5.97 -0.31 -10.94
N SER A 106 6.29 0.55 -11.89
CA SER A 106 7.37 1.51 -11.73
C SER A 106 7.10 2.61 -10.70
N LEU A 107 8.18 3.21 -10.22
CA LEU A 107 8.08 4.29 -9.25
C LEU A 107 7.51 5.50 -9.98
N PRO A 108 6.80 6.38 -9.26
CA PRO A 108 6.22 7.57 -9.89
C PRO A 108 7.29 8.52 -10.45
N SER A 109 6.97 9.17 -11.57
CA SER A 109 7.89 10.10 -12.19
C SER A 109 7.40 11.54 -12.01
N SER A 110 6.12 11.67 -11.66
CA SER A 110 5.52 12.97 -11.45
C SER A 110 4.77 13.00 -10.12
N PRO A 111 4.79 14.15 -9.43
CA PRO A 111 4.11 14.31 -8.14
C PRO A 111 2.62 14.12 -8.26
N PRO A 112 1.95 13.79 -7.15
CA PRO A 112 0.50 13.59 -7.17
C PRO A 112 -0.22 14.94 -7.36
N SER A 113 -1.35 14.91 -8.06
CA SER A 113 -2.12 16.12 -8.30
C SER A 113 -3.50 16.01 -7.66
N VAL A 114 -3.83 16.96 -6.79
CA VAL A 114 -5.13 16.96 -6.12
C VAL A 114 -6.25 16.97 -7.16
N GLY A 115 -7.26 16.13 -6.94
CA GLY A 115 -8.37 16.07 -7.88
C GLY A 115 -8.24 14.91 -8.84
N SER A 116 -7.07 14.27 -8.89
CA SER A 116 -6.88 13.15 -9.80
C SER A 116 -7.67 11.96 -9.27
N VAL A 117 -8.04 11.04 -10.16
CA VAL A 117 -8.79 9.86 -9.79
C VAL A 117 -7.77 8.76 -9.44
N CYS A 118 -7.97 8.08 -8.32
CA CYS A 118 -7.04 7.04 -7.89
C CYS A 118 -7.77 5.73 -7.60
N ARG A 119 -7.03 4.64 -7.72
CA ARG A 119 -7.61 3.33 -7.46
C ARG A 119 -6.96 2.68 -6.24
N ILE A 120 -7.77 2.05 -5.41
CA ILE A 120 -7.26 1.35 -4.23
C ILE A 120 -7.66 -0.10 -4.39
N MET A 121 -6.92 -0.99 -3.73
CA MET A 121 -7.16 -2.42 -3.83
C MET A 121 -6.57 -3.17 -2.66
N GLY A 122 -7.11 -4.34 -2.35
CA GLY A 122 -6.59 -5.12 -1.25
C GLY A 122 -7.54 -6.21 -0.80
N TRP A 123 -7.09 -7.05 0.11
CA TRP A 123 -7.89 -8.15 0.65
C TRP A 123 -8.44 -7.75 2.01
N GLY A 124 -8.45 -6.46 2.30
CA GLY A 124 -8.96 -5.97 3.57
C GLY A 124 -10.47 -6.08 3.67
N SER A 125 -11.02 -5.71 4.83
CA SER A 125 -12.45 -5.80 5.05
C SER A 125 -13.30 -5.05 4.02
N ILE A 126 -14.39 -5.67 3.61
CA ILE A 126 -15.28 -5.05 2.63
C ILE A 126 -16.52 -4.46 3.29
N THR A 127 -16.56 -4.52 4.62
CA THR A 127 -17.65 -3.95 5.41
C THR A 127 -17.00 -2.95 6.36
N PRO A 128 -17.63 -1.77 6.55
CA PRO A 128 -17.17 -0.67 7.39
C PRO A 128 -16.98 -0.87 8.89
N VAL A 129 -17.92 -1.55 9.54
CA VAL A 129 -17.84 -1.78 10.98
C VAL A 129 -17.36 -3.19 11.31
N LYS A 130 -18.14 -4.16 10.86
CA LYS A 130 -17.83 -5.58 11.06
C LYS A 130 -16.67 -5.90 10.12
N GLU A 131 -15.87 -6.90 10.48
CA GLU A 131 -14.75 -7.29 9.63
C GLU A 131 -15.08 -8.48 8.74
N THR A 132 -15.23 -8.19 7.45
CA THR A 132 -15.54 -9.22 6.46
C THR A 132 -14.41 -9.27 5.45
N PHE A 133 -13.63 -10.34 5.50
CA PHE A 133 -12.50 -10.51 4.59
C PHE A 133 -12.87 -11.37 3.39
N PRO A 134 -12.68 -10.82 2.17
CA PRO A 134 -13.00 -11.52 0.92
C PRO A 134 -11.89 -12.49 0.49
N ASP A 135 -12.25 -13.42 -0.39
CA ASP A 135 -11.29 -14.40 -0.90
C ASP A 135 -10.54 -13.78 -2.06
N VAL A 136 -11.15 -12.77 -2.67
CA VAL A 136 -10.55 -12.07 -3.80
C VAL A 136 -10.34 -10.61 -3.43
N PRO A 137 -9.39 -9.93 -4.09
CA PRO A 137 -9.16 -8.52 -3.75
C PRO A 137 -10.26 -7.62 -4.32
N TYR A 138 -10.66 -6.62 -3.55
CA TYR A 138 -11.68 -5.67 -3.99
C TYR A 138 -11.01 -4.36 -4.40
N CYS A 139 -11.58 -3.72 -5.41
CA CYS A 139 -11.08 -2.47 -5.98
C CYS A 139 -12.12 -1.34 -5.97
N ALA A 140 -11.65 -0.11 -5.90
CA ALA A 140 -12.53 1.05 -5.91
C ALA A 140 -11.78 2.29 -6.36
N ASN A 141 -12.50 3.27 -6.91
CA ASN A 141 -11.89 4.51 -7.35
C ASN A 141 -12.25 5.59 -6.34
N ILE A 142 -11.29 6.46 -6.04
CA ILE A 142 -11.50 7.55 -5.11
C ILE A 142 -10.74 8.77 -5.63
N ASN A 143 -10.93 9.92 -5.00
CA ASN A 143 -10.26 11.15 -5.42
C ASN A 143 -9.13 11.51 -4.49
N LEU A 144 -8.11 12.18 -5.02
CA LEU A 144 -7.01 12.63 -4.18
C LEU A 144 -7.59 13.95 -3.67
N LEU A 145 -7.74 14.05 -2.35
CA LEU A 145 -8.31 15.24 -1.74
C LEU A 145 -7.29 16.22 -1.20
N ASP A 146 -7.74 17.45 -0.95
CA ASP A 146 -6.87 18.48 -0.40
C ASP A 146 -6.44 17.97 0.97
N HIS A 147 -5.15 18.13 1.28
CA HIS A 147 -4.62 17.65 2.54
C HIS A 147 -5.35 18.25 3.75
N ALA A 148 -5.97 19.41 3.57
CA ALA A 148 -6.70 20.07 4.65
C ALA A 148 -7.86 19.22 5.17
N VAL A 149 -8.46 18.42 4.29
CA VAL A 149 -9.57 17.58 4.70
C VAL A 149 -9.13 16.57 5.76
N CYS A 150 -8.01 15.90 5.52
CA CYS A 150 -7.50 14.93 6.48
C CYS A 150 -6.99 15.62 7.75
N GLN A 151 -6.43 16.81 7.56
CA GLN A 151 -5.90 17.59 8.67
C GLN A 151 -7.01 17.88 9.69
N ALA A 152 -8.19 18.21 9.18
CA ALA A 152 -9.34 18.51 10.03
C ALA A 152 -9.92 17.27 10.68
N GLY A 153 -9.82 16.13 10.01
CA GLY A 153 -10.36 14.90 10.57
C GLY A 153 -9.43 14.12 11.47
N TYR A 154 -8.14 14.39 11.39
CA TYR A 154 -7.17 13.67 12.20
C TYR A 154 -6.24 14.57 13.00
N PRO A 155 -6.55 14.77 14.29
CA PRO A 155 -5.70 15.64 15.12
C PRO A 155 -4.27 15.09 15.20
N GLU A 156 -4.12 13.77 15.06
CA GLU A 156 -2.80 13.14 15.14
C GLU A 156 -1.98 13.27 13.86
N LEU A 157 -2.60 13.80 12.80
CA LEU A 157 -1.86 13.98 11.56
C LEU A 157 -1.11 15.30 11.60
N LEU A 158 0.20 15.22 11.79
CA LEU A 158 1.03 16.42 11.87
C LEU A 158 1.41 16.90 10.47
N ALA A 159 1.65 18.19 10.32
CA ALA A 159 1.99 18.77 9.02
C ALA A 159 3.29 18.26 8.41
N GLU A 160 4.26 17.89 9.25
CA GLU A 160 5.54 17.40 8.75
C GLU A 160 5.53 16.00 8.14
N TYR A 161 4.47 15.23 8.37
CA TYR A 161 4.39 13.89 7.80
C TYR A 161 4.15 14.02 6.30
N ARG A 162 4.83 13.20 5.51
CA ARG A 162 4.69 13.25 4.06
C ARG A 162 3.58 12.30 3.62
N THR A 163 2.37 12.83 3.60
CA THR A 163 1.20 12.03 3.28
C THR A 163 0.28 12.63 2.23
N LEU A 164 -0.65 11.80 1.76
CA LEU A 164 -1.64 12.18 0.78
C LEU A 164 -2.99 11.85 1.42
N CYS A 165 -4.02 12.58 1.03
CA CYS A 165 -5.36 12.40 1.56
C CYS A 165 -6.25 11.94 0.42
N ALA A 166 -6.95 10.81 0.59
CA ALA A 166 -7.80 10.31 -0.49
C ALA A 166 -9.09 9.61 -0.07
N GLY A 167 -10.12 9.80 -0.88
CA GLY A 167 -11.43 9.22 -0.66
C GLY A 167 -12.41 10.07 -1.43
N ILE A 168 -13.66 10.17 -0.96
CA ILE A 168 -14.64 11.06 -1.58
C ILE A 168 -15.24 11.85 -0.42
N VAL A 169 -15.56 13.11 -0.66
CA VAL A 169 -16.09 13.99 0.37
C VAL A 169 -17.22 13.45 1.26
N GLN A 170 -18.18 12.75 0.67
CA GLN A 170 -19.30 12.23 1.46
C GLN A 170 -19.01 10.88 2.11
N GLY A 171 -17.80 10.35 1.90
CA GLY A 171 -17.44 9.06 2.48
C GLY A 171 -18.11 7.90 1.77
N GLY A 172 -17.78 6.67 2.16
CA GLY A 172 -18.39 5.50 1.54
C GLY A 172 -17.45 4.64 0.69
N LYS A 173 -16.31 5.19 0.31
CA LYS A 173 -15.32 4.48 -0.49
C LYS A 173 -14.01 4.72 0.25
N ASP A 174 -13.34 3.66 0.68
CA ASP A 174 -12.14 3.83 1.47
C ASP A 174 -11.46 2.50 1.69
N THR A 175 -10.21 2.53 2.16
CA THR A 175 -9.51 1.29 2.47
C THR A 175 -9.97 0.95 3.90
N CYS A 176 -9.77 -0.29 4.32
CA CYS A 176 -10.22 -0.69 5.65
C CYS A 176 -9.21 -1.66 6.26
N GLY A 177 -9.57 -2.26 7.39
CA GLY A 177 -8.67 -3.19 8.05
C GLY A 177 -8.10 -4.26 7.16
N GLY A 178 -6.78 -4.33 7.06
CA GLY A 178 -6.16 -5.35 6.22
C GLY A 178 -5.63 -4.87 4.89
N ASP A 179 -6.00 -3.65 4.48
CA ASP A 179 -5.52 -3.10 3.20
C ASP A 179 -4.16 -2.42 3.34
N SER A 180 -3.72 -2.19 4.57
CA SER A 180 -2.44 -1.54 4.83
C SER A 180 -1.29 -2.06 3.97
N GLY A 181 -0.44 -1.15 3.51
CA GLY A 181 0.70 -1.53 2.69
C GLY A 181 0.45 -1.57 1.20
N GLY A 182 -0.81 -1.65 0.80
CA GLY A 182 -1.15 -1.69 -0.61
C GLY A 182 -0.91 -0.38 -1.34
N PRO A 183 -0.98 -0.38 -2.67
CA PRO A 183 -0.77 0.82 -3.49
C PRO A 183 -1.98 1.69 -3.76
N LEU A 184 -1.72 2.98 -3.92
CA LEU A 184 -2.73 3.98 -4.25
C LEU A 184 -2.24 4.38 -5.65
N ILE A 185 -3.02 4.04 -6.67
CA ILE A 185 -2.63 4.33 -8.05
C ILE A 185 -3.47 5.42 -8.67
N CYS A 186 -2.84 6.55 -8.96
CA CYS A 186 -3.53 7.69 -9.55
C CYS A 186 -2.99 7.95 -10.95
N ASN A 187 -3.89 8.08 -11.92
CA ASN A 187 -3.50 8.32 -13.30
C ASN A 187 -2.48 7.29 -13.76
N GLY A 188 -2.62 6.05 -13.29
CA GLY A 188 -1.70 5.01 -13.68
C GLY A 188 -0.35 5.04 -12.98
N GLN A 189 -0.18 5.96 -12.03
CA GLN A 189 1.07 6.07 -11.30
C GLN A 189 0.95 5.60 -9.85
N PHE A 190 1.98 4.88 -9.40
CA PHE A 190 2.06 4.38 -8.03
C PHE A 190 2.38 5.62 -7.18
N GLN A 191 1.35 6.27 -6.66
CA GLN A 191 1.53 7.50 -5.88
C GLN A 191 1.49 7.39 -4.36
N GLY A 192 0.85 6.35 -3.83
CA GLY A 192 0.78 6.23 -2.39
C GLY A 192 0.75 4.82 -1.84
N ILE A 193 0.89 4.71 -0.52
CA ILE A 193 0.87 3.43 0.19
C ILE A 193 -0.20 3.52 1.28
N VAL A 194 -1.13 2.56 1.32
CA VAL A 194 -2.18 2.57 2.35
C VAL A 194 -1.48 2.61 3.70
N SER A 195 -1.71 3.69 4.45
CA SER A 195 -1.03 3.86 5.74
C SER A 195 -1.87 3.96 7.00
N TYR A 196 -2.89 4.80 6.99
CA TYR A 196 -3.68 5.03 8.19
C TYR A 196 -5.12 5.37 7.83
N GLY A 197 -6.03 5.05 8.75
CA GLY A 197 -7.44 5.33 8.52
C GLY A 197 -8.20 5.21 9.82
N ALA A 198 -9.50 5.46 9.76
CA ALA A 198 -10.33 5.38 10.95
C ALA A 198 -11.30 4.21 10.86
N HIS A 199 -11.88 3.87 12.00
CA HIS A 199 -12.86 2.78 12.07
C HIS A 199 -14.02 3.30 12.92
N PRO A 200 -15.26 3.14 12.44
CA PRO A 200 -15.67 2.51 11.18
C PRO A 200 -14.99 3.15 9.98
N CYS A 201 -14.75 2.35 8.95
CA CYS A 201 -14.12 2.83 7.73
C CYS A 201 -15.09 3.60 6.87
N GLY A 202 -14.57 4.47 6.02
CA GLY A 202 -15.42 5.24 5.12
C GLY A 202 -16.19 6.41 5.70
N GLN A 203 -15.75 6.95 6.82
CA GLN A 203 -16.45 8.10 7.39
C GLN A 203 -16.12 9.32 6.53
N GLY A 204 -17.15 10.09 6.19
CA GLY A 204 -16.95 11.27 5.37
C GLY A 204 -15.89 12.21 5.92
N PRO A 205 -15.91 12.53 7.22
CA PRO A 205 -14.92 13.44 7.81
C PRO A 205 -13.51 12.86 7.94
N LYS A 206 -13.37 11.55 7.77
CA LYS A 206 -12.08 10.89 7.91
C LYS A 206 -11.62 10.08 6.70
N PRO A 207 -11.09 10.76 5.66
CA PRO A 207 -10.62 10.08 4.45
C PRO A 207 -9.41 9.23 4.79
N GLY A 208 -8.96 8.43 3.83
CA GLY A 208 -7.80 7.59 4.07
C GLY A 208 -6.51 8.39 3.96
N ILE A 209 -5.49 7.96 4.69
CA ILE A 209 -4.19 8.61 4.68
C ILE A 209 -3.21 7.64 4.04
N TYR A 210 -2.46 8.15 3.06
CA TYR A 210 -1.49 7.35 2.32
C TYR A 210 -0.12 8.00 2.35
N THR A 211 0.91 7.19 2.36
CA THR A 211 2.28 7.69 2.36
C THR A 211 2.60 8.21 0.95
N ASN A 212 3.20 9.40 0.89
CA ASN A 212 3.57 10.01 -0.38
C ASN A 212 4.81 9.29 -0.92
N VAL A 213 4.62 8.41 -1.90
CA VAL A 213 5.73 7.65 -2.47
C VAL A 213 6.74 8.52 -3.22
N PHE A 214 6.23 9.46 -4.01
CA PHE A 214 7.10 10.32 -4.79
C PHE A 214 8.26 10.91 -3.99
N ASP A 215 7.97 11.40 -2.79
CA ASP A 215 8.97 11.98 -1.91
C ASP A 215 10.07 11.02 -1.47
N TYR A 216 9.81 9.71 -1.55
CA TYR A 216 10.80 8.72 -1.14
C TYR A 216 11.46 7.96 -2.29
N THR A 217 11.18 8.37 -3.52
CA THR A 217 11.74 7.67 -4.67
C THR A 217 13.26 7.68 -4.71
N ASP A 218 13.87 8.82 -4.41
CA ASP A 218 15.32 8.88 -4.44
C ASP A 218 15.92 7.96 -3.38
N TRP A 219 15.34 7.97 -2.19
CA TRP A 219 15.82 7.12 -1.11
C TRP A 219 15.69 5.66 -1.55
N ILE A 220 14.56 5.33 -2.16
CA ILE A 220 14.30 3.98 -2.63
C ILE A 220 15.36 3.55 -3.66
N GLN A 221 15.61 4.41 -4.64
CA GLN A 221 16.58 4.09 -5.68
C GLN A 221 18.01 3.91 -5.16
N ARG A 222 18.37 4.68 -4.14
CA ARG A 222 19.71 4.56 -3.58
C ARG A 222 19.88 3.21 -2.88
N ASN A 223 18.80 2.74 -2.26
CA ASN A 223 18.85 1.45 -1.56
C ASN A 223 18.94 0.32 -2.59
N ILE A 224 18.27 0.51 -3.73
CA ILE A 224 18.29 -0.50 -4.78
C ILE A 224 19.66 -0.53 -5.45
N ALA A 225 20.30 0.64 -5.55
CA ALA A 225 21.61 0.75 -6.16
C ALA A 225 22.69 0.09 -5.29
N GLY A 226 22.41 -0.04 -4.00
CA GLY A 226 23.37 -0.66 -3.10
C GLY A 226 23.75 0.22 -1.92
N ASN A 227 23.32 1.48 -1.95
CA ASN A 227 23.62 2.42 -0.88
C ASN A 227 22.56 2.29 0.22
N THR A 228 22.55 1.14 0.91
CA THR A 228 21.56 0.89 1.96
C THR A 228 21.82 1.72 3.22
N ASP A 229 22.65 2.74 3.08
CA ASP A 229 22.99 3.60 4.20
C ASP A 229 22.29 4.97 4.07
N ALA A 230 21.58 5.16 2.96
CA ALA A 230 20.88 6.41 2.69
C ALA A 230 19.80 6.74 3.71
N THR A 231 19.60 8.03 3.97
CA THR A 231 18.58 8.45 4.91
C THR A 231 17.40 9.03 4.15
N CYS A 232 16.24 9.09 4.80
CA CYS A 232 15.05 9.62 4.17
C CYS A 232 14.92 11.11 4.39
N PRO A 233 14.14 11.79 3.54
CA PRO A 233 13.96 13.23 3.73
C PRO A 233 13.29 13.47 5.08
N PRO A 234 13.72 14.51 5.82
CA PRO A 234 13.16 14.85 7.13
C PRO A 234 11.65 15.06 7.12
#